data_5XWL
#
_entry.id   5XWL
#
_cell.length_a   61.105
_cell.length_b   100.210
_cell.length_c   116.650
_cell.angle_alpha   90.00
_cell.angle_beta   90.00
_cell.angle_gamma   90.00
#
_symmetry.space_group_name_H-M   'P 21 21 21'
#
loop_
_entity.id
_entity.type
_entity.pdbx_description
1 polymer Trypsin
2 polymer 'Acetylated-THR-ARG-GLU Inhibitor'
3 non-polymer 'CALCIUM ION'
4 non-polymer (4S)-2-METHYL-2,4-PENTANEDIOL
5 water water
#
loop_
_entity_poly.entity_id
_entity_poly.type
_entity_poly.pdbx_seq_one_letter_code
_entity_poly.pdbx_strand_id
1 'polypeptide(L)'
;FPTDDDDKIVGGYTCAANSIPYQVSLNSGSHFCGGSLINSQWVVSAAHCYKSRIQVRLGEHNIDVLEGNEQFINAAKIIT
HPNFNGNTLDNDIMLIKLSSPATLNSRVATVSLPRSCAAAGTECLISGWGNTKSSGSSYPSLLQCLKAPVLSDSSCKSSY
PGQITGNMICVGFLEGGKDSCQGDSGGPVVCNGQLQGIVSWGYGCAQKNKPGVYTKVCNYVNWIQQTIAAN
;
A,B
2 'polypeptide(L)' (ACE)TRE C,D
#
# COMPACT_ATOMS: atom_id res chain seq x y z
N ILE A 9 -1.42 -9.53 -16.71
CA ILE A 9 -0.03 -9.52 -16.29
C ILE A 9 0.49 -10.94 -16.19
N VAL A 10 1.57 -11.24 -16.89
CA VAL A 10 2.17 -12.58 -16.86
C VAL A 10 3.38 -12.51 -15.95
N GLY A 11 3.51 -13.49 -15.05
CA GLY A 11 4.66 -13.57 -14.16
C GLY A 11 4.71 -12.53 -13.07
N GLY A 12 3.58 -11.90 -12.76
CA GLY A 12 3.49 -10.95 -11.68
C GLY A 12 3.04 -11.59 -10.38
N TYR A 13 2.50 -10.75 -9.49
CA TYR A 13 1.95 -11.21 -8.22
C TYR A 13 0.61 -10.55 -8.02
N THR A 14 -0.23 -11.15 -7.18
CA THR A 14 -1.47 -10.49 -6.82
C THR A 14 -1.15 -9.25 -5.98
N CYS A 15 -1.56 -8.07 -6.46
CA CYS A 15 -1.39 -6.86 -5.68
C CYS A 15 -2.15 -6.98 -4.36
N ALA A 16 -1.60 -6.36 -3.32
CA ALA A 16 -2.37 -6.19 -2.09
C ALA A 16 -3.57 -5.29 -2.36
N ALA A 17 -4.65 -5.51 -1.61
CA ALA A 17 -5.92 -4.83 -1.85
C ALA A 17 -5.77 -3.30 -1.87
N ASN A 18 -6.19 -2.69 -2.98
CA ASN A 18 -6.16 -1.23 -3.15
C ASN A 18 -4.75 -0.66 -3.00
N SER A 19 -3.72 -1.46 -3.27
CA SER A 19 -2.37 -0.91 -3.21
C SER A 19 -2.03 -0.11 -4.47
N ILE A 20 -2.90 -0.12 -5.47
CA ILE A 20 -2.73 0.66 -6.71
C ILE A 20 -3.96 1.55 -6.81
N PRO A 21 -4.11 2.54 -5.93
CA PRO A 21 -5.41 3.24 -5.83
C PRO A 21 -5.76 4.08 -7.05
N TYR A 22 -4.79 4.35 -7.94
CA TYR A 22 -5.07 5.05 -9.19
C TYR A 22 -5.52 4.13 -10.30
N GLN A 23 -5.44 2.79 -10.11
CA GLN A 23 -5.82 1.86 -11.16
C GLN A 23 -7.33 1.76 -11.26
N VAL A 24 -7.85 1.93 -12.47
CA VAL A 24 -9.28 1.78 -12.71
C VAL A 24 -9.49 0.64 -13.70
N SER A 25 -10.70 0.12 -13.74
CA SER A 25 -11.11 -0.84 -14.76
C SER A 25 -12.15 -0.18 -15.65
N LEU A 26 -11.93 -0.23 -16.95
CA LEU A 26 -12.94 0.21 -17.90
C LEU A 26 -13.84 -0.96 -18.24
N ASN A 27 -15.15 -0.73 -18.10
CA ASN A 27 -16.13 -1.79 -18.19
C ASN A 27 -17.17 -1.38 -19.22
N SER A 28 -17.53 -2.31 -20.10
CA SER A 28 -18.60 -2.11 -21.08
C SER A 28 -19.53 -3.30 -21.05
N GLY A 29 -19.76 -3.84 -19.85
CA GLY A 29 -20.46 -5.09 -19.70
C GLY A 29 -19.55 -6.03 -18.95
N SER A 30 -18.27 -6.02 -19.30
CA SER A 30 -17.23 -6.69 -18.55
C SER A 30 -15.99 -5.81 -18.59
N HIS A 31 -15.00 -6.15 -17.76
CA HIS A 31 -13.69 -5.52 -17.86
C HIS A 31 -13.14 -5.68 -19.27
N PHE A 32 -12.69 -4.57 -19.89
CA PHE A 32 -11.95 -4.69 -21.15
C PHE A 32 -10.65 -3.89 -21.19
N CYS A 33 -10.40 -2.98 -20.24
CA CYS A 33 -9.19 -2.18 -20.28
C CYS A 33 -8.92 -1.60 -18.89
N GLY A 34 -7.65 -1.27 -18.67
CA GLY A 34 -7.24 -0.53 -17.51
C GLY A 34 -7.20 0.98 -17.81
N GLY A 35 -6.84 1.73 -16.79
CA GLY A 35 -6.67 3.17 -16.90
C GLY A 35 -6.15 3.67 -15.57
N SER A 36 -5.78 4.95 -15.55
CA SER A 36 -5.15 5.58 -14.39
C SER A 36 -5.85 6.89 -14.07
N LEU A 37 -6.25 7.06 -12.80
CA LEU A 37 -6.89 8.30 -12.33
C LEU A 37 -5.82 9.37 -12.12
N ILE A 38 -5.96 10.51 -12.82
CA ILE A 38 -4.98 11.59 -12.68
C ILE A 38 -5.53 12.86 -12.04
N ASN A 39 -6.84 13.04 -11.98
CA ASN A 39 -7.47 13.96 -11.03
C ASN A 39 -8.86 13.40 -10.74
N SER A 40 -9.62 14.10 -9.91
CA SER A 40 -10.87 13.49 -9.44
C SER A 40 -11.86 13.28 -10.58
N GLN A 41 -11.69 13.94 -11.72
CA GLN A 41 -12.63 13.82 -12.82
C GLN A 41 -12.06 13.18 -14.07
N TRP A 42 -10.77 12.84 -14.10
CA TRP A 42 -10.13 12.46 -15.36
C TRP A 42 -9.29 11.20 -15.23
N VAL A 43 -9.50 10.28 -16.17
CA VAL A 43 -8.76 9.04 -16.30
C VAL A 43 -7.99 9.08 -17.60
N VAL A 44 -6.73 8.61 -17.59
CA VAL A 44 -5.97 8.43 -18.81
C VAL A 44 -5.85 6.93 -19.10
N SER A 45 -6.02 6.58 -20.38
CA SER A 45 -5.99 5.19 -20.84
C SER A 45 -5.37 5.16 -22.23
N ALA A 46 -5.49 4.04 -22.92
CA ALA A 46 -4.97 3.93 -24.28
C ALA A 46 -6.07 4.28 -25.28
N ALA A 47 -5.67 4.92 -26.37
CA ALA A 47 -6.66 5.21 -27.41
C ALA A 47 -7.21 3.93 -28.03
N HIS A 48 -6.44 2.85 -28.06
CA HIS A 48 -7.02 1.62 -28.61
C HIS A 48 -8.06 0.99 -27.68
N CYS A 49 -8.20 1.51 -26.45
CA CYS A 49 -9.30 1.17 -25.56
C CYS A 49 -10.57 1.97 -25.84
N TYR A 50 -10.62 2.73 -26.92
CA TYR A 50 -11.81 3.53 -27.19
C TYR A 50 -13.03 2.66 -27.40
N LYS A 51 -14.11 3.01 -26.70
CA LYS A 51 -15.45 2.54 -27.01
C LYS A 51 -16.38 3.73 -26.79
N SER A 52 -17.56 3.69 -27.44
CA SER A 52 -18.50 4.79 -27.34
C SER A 52 -19.30 4.79 -26.05
N ARG A 53 -19.20 3.74 -25.22
CA ARG A 53 -19.91 3.67 -23.95
C ARG A 53 -19.04 2.94 -22.95
N ILE A 54 -18.68 3.59 -21.84
CA ILE A 54 -17.71 3.06 -20.89
C ILE A 54 -18.16 3.41 -19.49
N GLN A 55 -18.11 2.42 -18.59
CA GLN A 55 -18.27 2.66 -17.17
C GLN A 55 -16.90 2.51 -16.49
N VAL A 56 -16.49 3.53 -15.75
CA VAL A 56 -15.21 3.49 -15.06
C VAL A 56 -15.44 2.90 -13.67
N ARG A 57 -14.62 1.94 -13.28
CA ARG A 57 -14.77 1.29 -11.99
C ARG A 57 -13.51 1.55 -11.18
N LEU A 58 -13.67 2.30 -10.10
CA LEU A 58 -12.57 2.71 -9.24
C LEU A 58 -12.64 1.94 -7.94
N GLY A 59 -11.51 1.90 -7.24
CA GLY A 59 -11.47 1.23 -5.94
C GLY A 59 -11.64 -0.27 -6.02
N GLU A 60 -11.37 -0.85 -7.17
CA GLU A 60 -11.56 -2.28 -7.40
C GLU A 60 -10.37 -3.08 -6.90
N HIS A 61 -10.65 -4.28 -6.38
CA HIS A 61 -9.58 -5.27 -6.22
C HIS A 61 -9.98 -6.55 -6.92
N ASN A 62 -11.00 -7.22 -6.37
CA ASN A 62 -11.65 -8.34 -7.06
C ASN A 62 -12.74 -7.76 -7.95
N ILE A 63 -12.50 -7.76 -9.28
CA ILE A 63 -13.47 -7.17 -10.20
C ILE A 63 -14.71 -8.00 -10.40
N ASP A 64 -14.78 -9.21 -9.85
CA ASP A 64 -15.97 -10.04 -9.96
C ASP A 64 -16.83 -10.02 -8.70
N VAL A 65 -16.42 -9.30 -7.66
CA VAL A 65 -17.11 -9.33 -6.38
C VAL A 65 -17.20 -7.90 -5.85
N LEU A 66 -18.40 -7.50 -5.43
CA LEU A 66 -18.59 -6.23 -4.72
C LEU A 66 -17.97 -6.32 -3.33
N GLU A 67 -16.92 -5.54 -3.09
CA GLU A 67 -16.24 -5.60 -1.81
C GLU A 67 -16.56 -4.43 -0.90
N GLY A 68 -17.10 -3.34 -1.43
CA GLY A 68 -17.52 -2.21 -0.62
C GLY A 68 -16.72 -0.94 -0.83
N ASN A 69 -15.60 -0.99 -1.54
CA ASN A 69 -14.81 0.21 -1.78
C ASN A 69 -14.92 0.71 -3.20
N GLU A 70 -15.75 0.08 -4.03
CA GLU A 70 -15.87 0.45 -5.43
C GLU A 70 -16.61 1.77 -5.62
N GLN A 71 -16.21 2.53 -6.63
CA GLN A 71 -17.02 3.59 -7.20
C GLN A 71 -17.17 3.29 -8.68
N PHE A 72 -18.43 3.18 -9.13
CA PHE A 72 -18.78 2.97 -10.53
C PHE A 72 -19.26 4.31 -11.08
N ILE A 73 -18.52 4.89 -12.03
CA ILE A 73 -18.86 6.19 -12.57
C ILE A 73 -18.77 6.14 -14.08
N ASN A 74 -19.83 6.57 -14.77
CA ASN A 74 -19.85 6.56 -16.23
C ASN A 74 -18.83 7.52 -16.83
N ALA A 75 -18.27 7.11 -17.96
CA ALA A 75 -17.47 8.02 -18.78
C ALA A 75 -18.41 9.04 -19.43
N ALA A 76 -18.17 10.33 -19.20
CA ALA A 76 -18.92 11.36 -19.91
C ALA A 76 -18.21 11.77 -21.20
N LYS A 77 -16.95 12.20 -21.09
CA LYS A 77 -16.16 12.54 -22.27
C LYS A 77 -15.16 11.43 -22.54
N ILE A 78 -14.94 11.13 -23.81
CA ILE A 78 -14.02 10.08 -24.22
C ILE A 78 -13.21 10.64 -25.38
N ILE A 79 -11.97 11.05 -25.11
CA ILE A 79 -11.21 11.84 -26.08
C ILE A 79 -9.89 11.13 -26.39
N THR A 80 -9.79 10.59 -27.60
CA THR A 80 -8.55 10.01 -28.07
C THR A 80 -7.62 11.10 -28.61
N HIS A 81 -6.32 10.84 -28.56
CA HIS A 81 -5.37 11.79 -29.10
C HIS A 81 -5.69 12.06 -30.57
N PRO A 82 -5.70 13.32 -31.00
CA PRO A 82 -6.04 13.59 -32.41
C PRO A 82 -5.07 12.96 -33.41
N ASN A 83 -3.86 12.58 -33.00
CA ASN A 83 -2.88 12.00 -33.92
C ASN A 83 -2.72 10.50 -33.71
N PHE A 84 -3.66 9.90 -32.99
CA PHE A 84 -3.63 8.45 -32.82
C PHE A 84 -3.67 7.76 -34.17
N ASN A 85 -2.70 6.88 -34.39
CA ASN A 85 -2.60 6.12 -35.63
C ASN A 85 -3.02 4.70 -35.29
N GLY A 86 -4.19 4.30 -35.79
CA GLY A 86 -4.69 2.97 -35.50
C GLY A 86 -3.88 1.83 -36.10
N ASN A 87 -3.04 2.13 -37.10
CA ASN A 87 -2.23 1.09 -37.74
C ASN A 87 -0.95 0.82 -36.97
N THR A 88 -0.30 1.87 -36.48
CA THR A 88 0.97 1.74 -35.77
C THR A 88 0.84 1.91 -34.28
N LEU A 89 -0.31 2.37 -33.80
CA LEU A 89 -0.55 2.72 -32.40
C LEU A 89 0.32 3.87 -31.92
N ASP A 90 0.84 4.67 -32.84
CA ASP A 90 1.51 5.91 -32.43
C ASP A 90 0.47 6.83 -31.78
N ASN A 91 0.89 7.52 -30.70
CA ASN A 91 0.00 8.37 -29.89
C ASN A 91 -1.19 7.61 -29.28
N ASP A 92 -0.90 6.45 -28.69
CA ASP A 92 -1.95 5.58 -28.15
C ASP A 92 -2.31 6.06 -26.75
N ILE A 93 -3.05 7.17 -26.70
CA ILE A 93 -3.44 7.76 -25.42
C ILE A 93 -4.84 8.36 -25.54
N MET A 94 -5.59 8.29 -24.45
CA MET A 94 -7.00 8.64 -24.43
C MET A 94 -7.35 9.21 -23.07
N LEU A 95 -8.16 10.25 -23.03
CA LEU A 95 -8.61 10.80 -21.77
C LEU A 95 -10.12 10.62 -21.63
N ILE A 96 -10.53 10.25 -20.43
CA ILE A 96 -11.91 10.05 -20.09
C ILE A 96 -12.26 11.04 -18.99
N LYS A 97 -13.34 11.80 -19.19
CA LYS A 97 -13.88 12.65 -18.14
C LYS A 97 -15.06 11.94 -17.51
N LEU A 98 -14.97 11.70 -16.21
CA LEU A 98 -16.04 11.09 -15.45
C LEU A 98 -17.28 12.00 -15.42
N SER A 99 -18.46 11.38 -15.40
CA SER A 99 -19.70 12.16 -15.31
C SER A 99 -19.91 12.78 -13.94
N SER A 100 -19.31 12.23 -12.89
CA SER A 100 -19.21 12.82 -11.56
C SER A 100 -17.76 12.71 -11.08
N PRO A 101 -17.31 13.63 -10.25
CA PRO A 101 -15.98 13.49 -9.68
C PRO A 101 -15.94 12.24 -8.81
N ALA A 102 -14.83 11.51 -8.90
CA ALA A 102 -14.59 10.45 -7.94
C ALA A 102 -14.37 11.03 -6.55
N THR A 103 -14.83 10.30 -5.53
CA THR A 103 -14.52 10.66 -4.16
C THR A 103 -13.14 10.12 -3.82
N LEU A 104 -12.19 11.01 -3.54
CA LEU A 104 -10.82 10.57 -3.32
C LEU A 104 -10.64 10.16 -1.86
N ASN A 105 -10.07 8.98 -1.66
CA ASN A 105 -9.78 8.46 -0.32
C ASN A 105 -8.53 7.59 -0.45
N SER A 106 -8.23 6.80 0.59
CA SER A 106 -7.02 5.99 0.54
C SER A 106 -7.10 4.91 -0.54
N ARG A 107 -8.29 4.46 -0.92
CA ARG A 107 -8.43 3.42 -1.91
C ARG A 107 -8.69 3.93 -3.33
N VAL A 108 -8.94 5.22 -3.49
CA VAL A 108 -9.19 5.82 -4.81
C VAL A 108 -8.38 7.11 -4.82
N ALA A 109 -7.31 7.13 -5.59
CA ALA A 109 -6.32 8.19 -5.47
C ALA A 109 -5.74 8.51 -6.84
N THR A 110 -5.21 9.72 -6.99
CA THR A 110 -4.61 10.12 -8.24
C THR A 110 -3.13 9.73 -8.26
N VAL A 111 -2.60 9.54 -9.46
CA VAL A 111 -1.17 9.38 -9.67
C VAL A 111 -0.66 10.61 -10.43
N SER A 112 0.53 11.08 -10.06
CA SER A 112 1.12 12.25 -10.69
CA SER A 112 1.12 12.25 -10.69
C SER A 112 1.49 11.97 -12.14
N LEU A 113 1.38 13.01 -12.98
CA LEU A 113 1.96 12.96 -14.31
C LEU A 113 3.48 13.08 -14.19
N PRO A 114 4.24 12.70 -15.22
CA PRO A 114 5.71 12.77 -15.10
C PRO A 114 6.18 14.21 -15.11
N ARG A 115 7.19 14.49 -14.27
CA ARG A 115 7.91 15.75 -14.32
C ARG A 115 9.08 15.71 -15.29
N SER A 116 9.50 14.52 -15.68
CA SER A 116 10.45 14.32 -16.76
C SER A 116 10.32 12.89 -17.23
N CYS A 117 10.96 12.59 -18.36
CA CYS A 117 10.96 11.24 -18.91
C CYS A 117 11.84 10.33 -18.05
N ALA A 118 11.45 9.06 -17.96
CA ALA A 118 12.20 8.11 -17.15
C ALA A 118 13.40 7.58 -17.91
N ALA A 119 14.54 7.52 -17.23
CA ALA A 119 15.75 6.97 -17.82
C ALA A 119 15.70 5.46 -17.89
N ALA A 120 16.40 4.89 -18.89
CA ALA A 120 16.52 3.44 -19.00
C ALA A 120 16.99 2.84 -17.70
N GLY A 121 16.42 1.68 -17.34
CA GLY A 121 16.77 1.01 -16.11
C GLY A 121 15.99 1.47 -14.90
N THR A 122 15.19 2.52 -15.01
CA THR A 122 14.29 2.93 -13.94
C THR A 122 13.28 1.82 -13.65
N GLU A 123 13.17 1.46 -12.38
CA GLU A 123 12.21 0.44 -11.97
C GLU A 123 10.80 1.02 -11.91
N CYS A 124 9.82 0.23 -12.33
CA CYS A 124 8.44 0.70 -12.42
C CYS A 124 7.50 -0.41 -11.97
N LEU A 125 6.24 -0.03 -11.77
CA LEU A 125 5.17 -0.96 -11.41
C LEU A 125 4.09 -0.95 -12.49
N ILE A 126 3.82 -2.12 -13.08
CA ILE A 126 2.78 -2.32 -14.07
C ILE A 126 1.66 -3.13 -13.42
N SER A 127 0.41 -2.84 -13.77
CA SER A 127 -0.68 -3.54 -13.10
C SER A 127 -1.89 -3.67 -14.03
N GLY A 128 -2.74 -4.62 -13.71
CA GLY A 128 -3.96 -4.78 -14.48
C GLY A 128 -4.61 -6.12 -14.25
N TRP A 129 -5.79 -6.26 -14.85
CA TRP A 129 -6.58 -7.48 -14.78
C TRP A 129 -6.50 -8.30 -16.06
N GLY A 130 -5.40 -8.18 -16.81
CA GLY A 130 -5.29 -8.89 -18.06
C GLY A 130 -4.84 -10.35 -17.90
N ASN A 131 -4.73 -11.00 -19.05
CA ASN A 131 -4.30 -12.39 -19.14
C ASN A 131 -3.02 -12.61 -18.33
N THR A 132 -2.97 -13.73 -17.59
CA THR A 132 -1.78 -14.07 -16.81
C THR A 132 -0.94 -15.18 -17.45
N LYS A 133 -1.31 -15.65 -18.64
CA LYS A 133 -0.56 -16.71 -19.31
C LYS A 133 0.01 -16.21 -20.63
N SER A 134 1.26 -16.61 -20.92
CA SER A 134 1.92 -16.28 -22.18
C SER A 134 1.45 -17.17 -23.31
N SER A 135 0.80 -18.28 -22.98
CA SER A 135 0.21 -19.19 -23.95
C SER A 135 -1.15 -19.61 -23.42
N GLY A 136 -2.19 -19.37 -24.21
CA GLY A 136 -3.53 -19.61 -23.74
C GLY A 136 -4.07 -18.38 -23.05
N SER A 137 -5.00 -18.55 -22.13
CA SER A 137 -5.59 -17.39 -21.48
C SER A 137 -6.09 -17.76 -20.11
N SER A 138 -5.87 -16.84 -19.17
CA SER A 138 -6.42 -16.91 -17.83
C SER A 138 -6.60 -15.46 -17.37
N TYR A 139 -7.84 -15.07 -17.07
CA TYR A 139 -8.16 -13.71 -16.67
C TYR A 139 -8.52 -13.68 -15.19
N PRO A 140 -7.78 -12.95 -14.37
CA PRO A 140 -7.91 -13.05 -12.91
C PRO A 140 -9.04 -12.19 -12.37
N SER A 141 -9.57 -12.60 -11.21
CA SER A 141 -10.45 -11.71 -10.45
C SER A 141 -9.65 -10.61 -9.77
N LEU A 142 -8.42 -10.90 -9.36
CA LEU A 142 -7.67 -9.99 -8.51
C LEU A 142 -6.65 -9.20 -9.32
N LEU A 143 -6.51 -7.91 -9.01
CA LEU A 143 -5.55 -7.06 -9.69
C LEU A 143 -4.14 -7.63 -9.56
N GLN A 144 -3.42 -7.67 -10.67
CA GLN A 144 -2.07 -8.22 -10.72
C GLN A 144 -1.04 -7.11 -10.84
N CYS A 145 0.16 -7.38 -10.32
CA CYS A 145 1.24 -6.40 -10.20
C CYS A 145 2.54 -6.97 -10.75
N LEU A 146 3.36 -6.12 -11.35
CA LEU A 146 4.66 -6.54 -11.88
C LEU A 146 5.65 -5.41 -11.77
N LYS A 147 6.82 -5.69 -11.20
CA LYS A 147 7.93 -4.76 -11.19
C LYS A 147 8.76 -4.98 -12.45
N ALA A 148 9.07 -3.89 -13.15
CA ALA A 148 9.78 -4.02 -14.43
C ALA A 148 10.51 -2.72 -14.72
N PRO A 149 11.68 -2.79 -15.35
CA PRO A 149 12.45 -1.59 -15.67
C PRO A 149 12.16 -1.06 -17.06
N VAL A 150 12.37 0.26 -17.20
CA VAL A 150 12.35 0.89 -18.51
C VAL A 150 13.55 0.42 -19.30
N LEU A 151 13.34 0.05 -20.55
CA LEU A 151 14.43 -0.39 -21.42
C LEU A 151 14.90 0.74 -22.32
N SER A 152 16.14 0.63 -22.78
CA SER A 152 16.71 1.66 -23.64
C SER A 152 15.97 1.72 -24.97
N ASP A 153 15.98 2.90 -25.59
CA ASP A 153 15.32 3.02 -26.89
C ASP A 153 15.96 2.08 -27.91
N SER A 154 17.29 1.94 -27.89
CA SER A 154 17.92 1.07 -28.88
C SER A 154 17.49 -0.38 -28.67
N SER A 155 17.35 -0.81 -27.42
CA SER A 155 16.91 -2.17 -27.18
C SER A 155 15.45 -2.36 -27.57
N CYS A 156 14.64 -1.32 -27.38
CA CYS A 156 13.23 -1.43 -27.76
C CYS A 156 13.11 -1.47 -29.28
N LYS A 157 13.93 -0.69 -29.99
CA LYS A 157 13.90 -0.71 -31.45
C LYS A 157 14.46 -2.03 -32.00
N SER A 158 15.45 -2.60 -31.33
CA SER A 158 15.94 -3.91 -31.75
C SER A 158 14.87 -4.97 -31.55
N SER A 159 14.08 -4.85 -30.48
CA SER A 159 12.99 -5.78 -30.25
C SER A 159 11.92 -5.66 -31.33
N TYR A 160 11.64 -4.44 -31.79
CA TYR A 160 10.56 -4.17 -32.75
C TYR A 160 11.04 -3.26 -33.87
N PRO A 161 11.84 -3.79 -34.80
CA PRO A 161 12.42 -2.93 -35.85
C PRO A 161 11.35 -2.23 -36.66
N GLY A 162 11.59 -0.96 -36.96
CA GLY A 162 10.68 -0.19 -37.77
C GLY A 162 9.29 0.03 -37.20
N GLN A 163 9.11 -0.10 -35.86
CA GLN A 163 7.80 0.16 -35.27
C GLN A 163 7.78 1.02 -34.00
N ILE A 164 8.94 1.32 -33.41
CA ILE A 164 9.00 2.05 -32.15
C ILE A 164 9.22 3.52 -32.49
N THR A 165 8.17 4.32 -32.40
CA THR A 165 8.33 5.75 -32.64
C THR A 165 8.95 6.39 -31.40
N GLY A 166 9.16 7.71 -31.47
CA GLY A 166 9.55 8.48 -30.30
C GLY A 166 8.48 8.60 -29.24
N ASN A 167 7.28 8.08 -29.47
CA ASN A 167 6.19 8.12 -28.50
C ASN A 167 5.96 6.78 -27.82
N MET A 168 6.95 5.88 -27.88
CA MET A 168 6.81 4.55 -27.32
C MET A 168 8.04 4.19 -26.51
N ILE A 169 7.83 3.52 -25.38
CA ILE A 169 8.93 2.92 -24.64
C ILE A 169 8.64 1.45 -24.44
N CYS A 170 9.71 0.67 -24.30
CA CYS A 170 9.64 -0.71 -23.85
C CYS A 170 9.93 -0.77 -22.35
N VAL A 171 9.17 -1.60 -21.65
CA VAL A 171 9.33 -1.80 -20.22
C VAL A 171 9.20 -3.29 -19.97
N GLY A 172 10.20 -3.89 -19.36
CA GLY A 172 10.08 -5.32 -19.08
C GLY A 172 11.42 -6.02 -19.16
N PHE A 173 11.40 -7.21 -19.75
CA PHE A 173 12.52 -8.15 -19.65
C PHE A 173 12.77 -8.79 -21.01
N LEU A 174 13.99 -8.65 -21.53
CA LEU A 174 14.30 -9.26 -22.81
C LEU A 174 14.32 -10.77 -22.73
N GLU A 175 14.55 -11.34 -21.55
CA GLU A 175 14.49 -12.79 -21.42
C GLU A 175 13.04 -13.32 -21.42
N GLY A 176 12.04 -12.44 -21.43
CA GLY A 176 10.67 -12.91 -21.38
C GLY A 176 10.28 -13.40 -20.00
N GLY A 177 9.09 -14.01 -19.94
CA GLY A 177 8.57 -14.57 -18.71
C GLY A 177 7.73 -13.62 -17.88
N LYS A 178 7.94 -12.31 -18.02
CA LYS A 178 7.20 -11.32 -17.23
C LYS A 178 6.84 -10.15 -18.13
N ASP A 179 5.55 -9.78 -18.13
CA ASP A 179 5.05 -8.88 -19.16
C ASP A 179 3.61 -8.50 -18.84
N SER A 180 3.17 -7.38 -19.40
CA SER A 180 1.75 -7.13 -19.49
C SER A 180 1.17 -7.96 -20.63
N CYS A 181 -0.16 -8.02 -20.69
CA CYS A 181 -0.77 -8.90 -21.69
C CYS A 181 -2.16 -8.34 -21.98
N GLN A 182 -2.87 -9.02 -22.87
CA GLN A 182 -4.20 -8.57 -23.28
C GLN A 182 -5.13 -8.42 -22.07
N GLY A 183 -5.89 -7.33 -22.06
CA GLY A 183 -6.71 -6.94 -20.94
C GLY A 183 -6.04 -6.00 -19.96
N ASP A 184 -4.71 -5.90 -20.01
CA ASP A 184 -3.98 -4.85 -19.29
C ASP A 184 -3.95 -3.53 -20.04
N SER A 185 -4.27 -3.56 -21.34
CA SER A 185 -4.40 -2.41 -22.22
C SER A 185 -4.88 -1.15 -21.53
N GLY A 186 -4.19 -0.03 -21.73
CA GLY A 186 -4.61 1.23 -21.16
C GLY A 186 -4.20 1.44 -19.72
N GLY A 187 -3.72 0.41 -19.02
CA GLY A 187 -3.35 0.53 -17.64
C GLY A 187 -1.98 1.15 -17.45
N PRO A 188 -1.59 1.28 -16.19
CA PRO A 188 -0.43 2.10 -15.82
C PRO A 188 0.91 1.40 -15.75
N VAL A 189 1.94 2.17 -16.09
CA VAL A 189 3.33 1.94 -15.71
C VAL A 189 3.74 3.14 -14.89
N VAL A 190 3.98 2.95 -13.61
CA VAL A 190 4.31 4.03 -12.70
C VAL A 190 5.73 3.84 -12.20
N CYS A 191 6.53 4.90 -12.25
CA CYS A 191 7.93 4.86 -11.85
C CYS A 191 8.20 6.05 -10.94
N ASN A 192 8.63 5.78 -9.72
CA ASN A 192 8.92 6.81 -8.74
C ASN A 192 7.74 7.76 -8.60
N GLY A 193 6.55 7.19 -8.47
CA GLY A 193 5.32 7.94 -8.26
C GLY A 193 4.77 8.68 -9.47
N GLN A 194 5.27 8.41 -10.68
CA GLN A 194 4.84 9.15 -11.86
C GLN A 194 4.37 8.19 -12.94
N LEU A 195 3.25 8.52 -13.58
CA LEU A 195 2.73 7.73 -14.70
C LEU A 195 3.63 7.95 -15.91
N GLN A 196 4.49 6.97 -16.22
CA GLN A 196 5.39 7.10 -17.37
C GLN A 196 4.92 6.30 -18.59
N GLY A 197 4.06 5.31 -18.41
CA GLY A 197 3.70 4.44 -19.51
C GLY A 197 2.25 4.04 -19.42
N ILE A 198 1.68 3.73 -20.59
CA ILE A 198 0.34 3.17 -20.73
C ILE A 198 0.44 1.88 -21.53
N VAL A 199 -0.17 0.79 -21.03
CA VAL A 199 -0.08 -0.49 -21.73
C VAL A 199 -0.62 -0.32 -23.14
N SER A 200 0.24 -0.55 -24.13
CA SER A 200 -0.16 -0.28 -25.51
C SER A 200 -0.18 -1.54 -26.37
N TRP A 201 0.96 -2.20 -26.58
CA TRP A 201 0.98 -3.35 -27.48
C TRP A 201 2.27 -4.14 -27.30
N GLY A 202 2.37 -5.24 -28.05
CA GLY A 202 3.54 -6.09 -28.07
C GLY A 202 3.30 -7.26 -29.00
N TYR A 203 4.32 -8.10 -29.14
CA TYR A 203 4.19 -9.35 -29.89
C TYR A 203 3.91 -10.46 -28.89
N GLY A 204 2.64 -10.85 -28.77
CA GLY A 204 2.34 -11.80 -27.75
C GLY A 204 2.64 -11.20 -26.37
N CYS A 205 2.88 -12.08 -25.41
CA CYS A 205 3.08 -11.68 -24.02
C CYS A 205 4.21 -12.50 -23.42
N ALA A 206 5.16 -11.80 -22.81
CA ALA A 206 6.26 -12.43 -22.10
C ALA A 206 7.14 -13.28 -22.99
N GLN A 207 7.12 -13.07 -24.31
CA GLN A 207 8.02 -13.80 -25.18
C GLN A 207 9.42 -13.23 -25.11
N LYS A 208 10.41 -14.10 -25.33
CA LYS A 208 11.81 -13.68 -25.39
C LYS A 208 11.99 -12.58 -26.41
N ASN A 209 12.67 -11.50 -25.98
CA ASN A 209 13.04 -10.36 -26.79
C ASN A 209 11.83 -9.62 -27.34
N LYS A 210 10.66 -9.78 -26.75
CA LYS A 210 9.47 -9.00 -27.11
C LYS A 210 8.83 -8.46 -25.84
N PRO A 211 9.50 -7.53 -25.16
CA PRO A 211 8.85 -6.84 -24.04
C PRO A 211 7.65 -6.04 -24.52
N GLY A 212 6.77 -5.73 -23.58
CA GLY A 212 5.63 -4.89 -23.88
C GLY A 212 6.04 -3.50 -24.30
N VAL A 213 5.21 -2.89 -25.16
CA VAL A 213 5.40 -1.54 -25.65
C VAL A 213 4.35 -0.65 -25.00
N TYR A 214 4.78 0.50 -24.52
CA TYR A 214 3.98 1.39 -23.72
C TYR A 214 4.04 2.79 -24.30
N THR A 215 2.91 3.49 -24.24
CA THR A 215 2.88 4.89 -24.62
C THR A 215 3.77 5.71 -23.68
N LYS A 216 4.61 6.57 -24.27
CA LYS A 216 5.56 7.41 -23.54
C LYS A 216 4.81 8.62 -22.98
N VAL A 217 4.26 8.46 -21.77
CA VAL A 217 3.39 9.48 -21.21
C VAL A 217 4.08 10.82 -21.10
N CYS A 218 5.39 10.84 -20.83
CA CYS A 218 6.09 12.10 -20.65
C CYS A 218 6.03 12.98 -21.90
N ASN A 219 5.67 12.43 -23.05
CA ASN A 219 5.56 13.25 -24.25
C ASN A 219 4.23 13.98 -24.35
N TYR A 220 3.29 13.71 -23.44
CA TYR A 220 1.90 14.14 -23.59
C TYR A 220 1.42 15.01 -22.43
N VAL A 221 2.32 15.46 -21.55
CA VAL A 221 1.88 16.19 -20.37
C VAL A 221 1.14 17.46 -20.76
N ASN A 222 1.68 18.21 -21.73
CA ASN A 222 1.02 19.43 -22.15
C ASN A 222 -0.33 19.15 -22.81
N TRP A 223 -0.39 18.13 -23.67
CA TRP A 223 -1.67 17.76 -24.27
C TRP A 223 -2.69 17.38 -23.20
N ILE A 224 -2.26 16.63 -22.19
CA ILE A 224 -3.18 16.23 -21.13
C ILE A 224 -3.68 17.44 -20.38
N GLN A 225 -2.78 18.31 -19.94
CA GLN A 225 -3.16 19.48 -19.16
C GLN A 225 -4.08 20.39 -19.96
N GLN A 226 -3.72 20.68 -21.21
CA GLN A 226 -4.56 21.54 -22.04
C GLN A 226 -5.93 20.92 -22.28
N THR A 227 -5.98 19.60 -22.52
CA THR A 227 -7.28 18.99 -22.75
C THR A 227 -8.17 19.09 -21.52
N ILE A 228 -7.60 18.81 -20.35
CA ILE A 228 -8.37 18.96 -19.12
C ILE A 228 -8.76 20.42 -18.90
N ALA A 229 -7.84 21.35 -19.20
CA ALA A 229 -8.15 22.76 -18.99
C ALA A 229 -9.31 23.20 -19.89
N ALA A 230 -9.40 22.64 -21.09
CA ALA A 230 -10.39 23.11 -22.06
C ALA A 230 -11.71 22.35 -22.00
N ASN A 231 -11.80 21.28 -21.22
CA ASN A 231 -13.03 20.50 -21.18
C ASN A 231 -13.57 20.32 -19.77
N THR B 2 -2.17 -5.85 -30.25
CA THR B 2 -2.64 -4.75 -29.42
C THR B 2 -3.25 -5.44 -28.21
N ARG B 3 -2.76 -5.12 -27.02
CA ARG B 3 -3.05 -5.97 -25.87
C ARG B 3 -4.54 -5.95 -25.48
N ILE C 9 13.26 -1.16 18.52
CA ILE C 9 13.41 0.22 18.06
C ILE C 9 14.86 0.50 17.69
N VAL C 10 15.11 0.76 16.42
CA VAL C 10 16.45 1.06 15.92
C VAL C 10 16.60 2.57 15.85
N GLY C 11 17.68 3.09 16.42
CA GLY C 11 17.93 4.52 16.35
C GLY C 11 17.06 5.38 17.25
N GLY C 12 16.43 4.80 18.27
CA GLY C 12 15.61 5.56 19.19
C GLY C 12 16.36 6.02 20.43
N TYR C 13 15.61 6.30 21.48
CA TYR C 13 16.16 6.63 22.79
C TYR C 13 15.38 5.85 23.83
N THR C 14 15.95 5.74 25.02
CA THR C 14 15.24 5.07 26.11
C THR C 14 14.17 6.01 26.63
N CYS C 15 12.91 5.55 26.61
CA CYS C 15 11.84 6.33 27.21
C CYS C 15 12.11 6.56 28.68
N ALA C 16 11.64 7.70 29.18
CA ALA C 16 11.58 7.88 30.62
C ALA C 16 10.64 6.84 31.22
N ALA C 17 11.03 6.29 32.35
CA ALA C 17 10.29 5.21 32.98
C ALA C 17 8.82 5.57 33.13
N ASN C 18 7.96 4.75 32.55
CA ASN C 18 6.50 4.89 32.65
C ASN C 18 6.01 6.18 32.00
N SER C 19 6.77 6.72 31.06
CA SER C 19 6.26 7.83 30.27
C SER C 19 5.41 7.36 29.10
N ILE C 20 5.35 6.05 28.86
CA ILE C 20 4.44 5.44 27.88
C ILE C 20 3.50 4.52 28.64
N PRO C 21 2.55 5.05 29.42
CA PRO C 21 1.83 4.20 30.38
C PRO C 21 0.84 3.25 29.74
N TYR C 22 0.53 3.43 28.45
CA TYR C 22 -0.34 2.53 27.71
C TYR C 22 0.40 1.39 27.05
N GLN C 23 1.73 1.42 27.06
CA GLN C 23 2.53 0.38 26.44
C GLN C 23 2.52 -0.87 27.31
N VAL C 24 2.17 -2.01 26.71
CA VAL C 24 2.22 -3.28 27.41
C VAL C 24 3.21 -4.18 26.70
N SER C 25 3.66 -5.19 27.44
CA SER C 25 4.48 -6.27 26.94
C SER C 25 3.64 -7.54 26.92
N LEU C 26 3.62 -8.23 25.78
CA LEU C 26 2.94 -9.51 25.66
C LEU C 26 3.95 -10.61 25.93
N ASN C 27 3.63 -11.48 26.88
CA ASN C 27 4.57 -12.42 27.45
C ASN C 27 4.01 -13.84 27.35
N SER C 28 4.83 -14.75 26.85
CA SER C 28 4.53 -16.17 26.82
C SER C 28 5.69 -16.96 27.39
N GLY C 29 6.22 -16.49 28.51
CA GLY C 29 7.47 -17.01 29.04
C GLY C 29 8.53 -15.95 28.92
N SER C 30 8.57 -15.30 27.77
CA SER C 30 9.41 -14.14 27.54
C SER C 30 8.59 -13.11 26.78
N HIS C 31 9.09 -11.87 26.73
CA HIS C 31 8.44 -10.86 25.91
C HIS C 31 8.46 -11.30 24.45
N PHE C 32 7.35 -11.10 23.75
CA PHE C 32 7.32 -11.43 22.33
C PHE C 32 6.60 -10.41 21.46
N CYS C 33 5.85 -9.48 22.04
CA CYS C 33 5.13 -8.49 21.25
C CYS C 33 4.77 -7.32 22.15
N GLY C 34 4.43 -6.19 21.52
CA GLY C 34 3.88 -5.06 22.23
C GLY C 34 2.38 -4.99 22.09
N GLY C 35 1.80 -4.01 22.77
CA GLY C 35 0.37 -3.77 22.69
C GLY C 35 0.04 -2.46 23.38
N SER C 36 -1.20 -2.02 23.21
CA SER C 36 -1.63 -0.75 23.75
C SER C 36 -2.90 -0.95 24.57
N LEU C 37 -2.88 -0.43 25.80
CA LEU C 37 -4.05 -0.45 26.67
C LEU C 37 -5.02 0.63 26.20
N ILE C 38 -6.23 0.23 25.81
CA ILE C 38 -7.22 1.18 25.35
C ILE C 38 -8.41 1.32 26.29
N ASN C 39 -8.64 0.36 27.18
CA ASN C 39 -9.48 0.58 28.35
C ASN C 39 -9.04 -0.40 29.44
N SER C 40 -9.72 -0.32 30.59
CA SER C 40 -9.33 -1.09 31.77
C SER C 40 -9.15 -2.57 31.47
N GLN C 41 -9.91 -3.09 30.50
CA GLN C 41 -9.98 -4.53 30.27
C GLN C 41 -9.48 -4.95 28.90
N TRP C 42 -9.01 -4.03 28.05
CA TRP C 42 -8.75 -4.35 26.66
C TRP C 42 -7.42 -3.80 26.18
N VAL C 43 -6.65 -4.66 25.54
CA VAL C 43 -5.39 -4.32 24.89
C VAL C 43 -5.57 -4.54 23.39
N VAL C 44 -5.03 -3.64 22.58
CA VAL C 44 -5.00 -3.81 21.13
C VAL C 44 -3.56 -4.09 20.71
N SER C 45 -3.40 -5.01 19.77
CA SER C 45 -2.09 -5.45 19.31
C SER C 45 -2.22 -5.86 17.84
N ALA C 46 -1.21 -6.54 17.33
CA ALA C 46 -1.24 -7.05 15.96
C ALA C 46 -1.79 -8.47 15.93
N ALA C 47 -2.54 -8.78 14.88
CA ALA C 47 -3.00 -10.15 14.71
C ALA C 47 -1.85 -11.12 14.52
N HIS C 48 -0.73 -10.67 13.94
CA HIS C 48 0.38 -11.61 13.78
C HIS C 48 1.07 -11.92 15.11
N CYS C 49 0.72 -11.20 16.18
CA CYS C 49 1.17 -11.54 17.52
C CYS C 49 0.28 -12.60 18.19
N TYR C 50 -0.62 -13.24 17.45
CA TYR C 50 -1.56 -14.16 18.10
C TYR C 50 -0.82 -15.33 18.73
N LYS C 51 -1.21 -15.65 19.95
CA LYS C 51 -0.89 -16.92 20.60
C LYS C 51 -2.12 -17.34 21.39
N SER C 52 -2.26 -18.65 21.61
CA SER C 52 -3.50 -19.11 22.21
C SER C 52 -3.58 -18.71 23.68
N ARG C 53 -2.46 -18.46 24.35
CA ARG C 53 -2.50 -17.90 25.69
C ARG C 53 -1.37 -16.88 25.84
N ILE C 54 -1.67 -15.76 26.50
CA ILE C 54 -0.79 -14.59 26.57
C ILE C 54 -0.88 -13.97 27.96
N GLN C 55 0.27 -13.61 28.54
CA GLN C 55 0.30 -12.78 29.74
C GLN C 55 0.55 -11.33 29.33
N VAL C 56 -0.29 -10.42 29.81
CA VAL C 56 -0.10 -8.99 29.57
C VAL C 56 0.62 -8.40 30.76
N ARG C 57 1.74 -7.73 30.52
CA ARG C 57 2.49 -7.07 31.58
C ARG C 57 2.43 -5.56 31.39
N LEU C 58 1.80 -4.90 32.34
CA LEU C 58 1.54 -3.46 32.33
C LEU C 58 2.51 -2.76 33.27
N GLY C 59 2.66 -1.46 33.06
CA GLY C 59 3.54 -0.68 33.91
C GLY C 59 5.00 -1.02 33.82
N GLU C 60 5.42 -1.66 32.73
CA GLU C 60 6.81 -2.09 32.61
C GLU C 60 7.70 -0.95 32.15
N HIS C 61 8.91 -0.91 32.69
CA HIS C 61 10.01 -0.20 32.06
C HIS C 61 11.15 -1.16 31.75
N ASN C 62 11.70 -1.82 32.77
CA ASN C 62 12.68 -2.88 32.60
C ASN C 62 11.92 -4.20 32.67
N ILE C 63 11.75 -4.84 31.51
CA ILE C 63 10.98 -6.08 31.42
C ILE C 63 11.73 -7.26 32.00
N ASP C 64 12.98 -7.08 32.42
CA ASP C 64 13.79 -8.14 33.01
C ASP C 64 13.87 -8.05 34.52
N VAL C 65 13.41 -6.95 35.12
CA VAL C 65 13.55 -6.70 36.54
C VAL C 65 12.21 -6.21 37.08
N LEU C 66 11.78 -6.77 38.20
CA LEU C 66 10.61 -6.24 38.88
C LEU C 66 10.97 -4.94 39.57
N GLU C 67 10.20 -3.89 39.26
CA GLU C 67 10.52 -2.54 39.69
C GLU C 67 9.50 -1.97 40.68
N GLY C 68 8.34 -2.60 40.82
CA GLY C 68 7.33 -2.18 41.77
C GLY C 68 6.05 -1.68 41.15
N ASN C 69 6.08 -1.26 39.90
CA ASN C 69 4.88 -0.76 39.25
C ASN C 69 4.29 -1.75 38.27
N GLU C 70 4.86 -2.94 38.15
CA GLU C 70 4.39 -3.92 37.19
C GLU C 70 3.01 -4.44 37.58
N GLN C 71 2.22 -4.78 36.56
CA GLN C 71 0.97 -5.53 36.74
C GLN C 71 0.92 -6.62 35.68
N PHE C 72 0.74 -7.86 36.12
CA PHE C 72 0.69 -9.01 35.23
C PHE C 72 -0.74 -9.54 35.23
N ILE C 73 -1.38 -9.56 34.07
CA ILE C 73 -2.76 -10.05 33.94
C ILE C 73 -2.86 -10.93 32.71
N ASN C 74 -3.37 -12.14 32.89
CA ASN C 74 -3.46 -13.09 31.79
C ASN C 74 -4.62 -12.73 30.86
N ALA C 75 -4.47 -13.10 29.59
CA ALA C 75 -5.51 -12.88 28.61
C ALA C 75 -6.68 -13.83 28.87
N ALA C 76 -7.90 -13.31 28.85
CA ALA C 76 -9.10 -14.13 28.91
C ALA C 76 -9.64 -14.42 27.51
N LYS C 77 -9.72 -13.39 26.67
CA LYS C 77 -10.18 -13.50 25.30
C LYS C 77 -9.14 -12.90 24.36
N ILE C 78 -8.87 -13.56 23.25
CA ILE C 78 -7.95 -13.07 22.24
C ILE C 78 -8.66 -13.16 20.89
N ILE C 79 -8.79 -12.03 20.20
CA ILE C 79 -9.70 -11.89 19.07
C ILE C 79 -8.97 -11.21 17.93
N THR C 80 -8.68 -11.97 16.86
CA THR C 80 -8.02 -11.41 15.70
C THR C 80 -9.06 -10.90 14.71
N HIS C 81 -8.68 -9.89 13.93
CA HIS C 81 -9.63 -9.35 12.95
C HIS C 81 -10.05 -10.46 11.98
N PRO C 82 -11.35 -10.59 11.70
CA PRO C 82 -11.81 -11.71 10.85
C PRO C 82 -11.25 -11.66 9.44
N ASN C 83 -10.86 -10.49 8.94
CA ASN C 83 -10.30 -10.38 7.61
C ASN C 83 -8.78 -10.29 7.62
N PHE C 84 -8.14 -10.71 8.71
CA PHE C 84 -6.68 -10.75 8.74
C PHE C 84 -6.16 -11.65 7.63
N ASN C 85 -5.23 -11.13 6.85
CA ASN C 85 -4.62 -11.82 5.71
C ASN C 85 -3.18 -12.15 6.10
N GLY C 86 -2.89 -13.42 6.33
CA GLY C 86 -1.54 -13.80 6.73
C GLY C 86 -0.50 -13.59 5.66
N ASN C 87 -0.91 -13.44 4.40
CA ASN C 87 0.04 -13.25 3.31
C ASN C 87 0.37 -11.78 3.05
N THR C 88 -0.61 -10.89 3.14
CA THR C 88 -0.38 -9.46 2.93
C THR C 88 -0.27 -8.68 4.21
N LEU C 89 -0.63 -9.29 5.35
CA LEU C 89 -0.78 -8.64 6.65
C LEU C 89 -1.83 -7.55 6.63
N ASP C 90 -2.73 -7.56 5.65
CA ASP C 90 -3.88 -6.68 5.70
C ASP C 90 -4.72 -6.99 6.94
N ASN C 91 -5.24 -5.95 7.58
CA ASN C 91 -6.05 -6.07 8.81
C ASN C 91 -5.27 -6.72 9.95
N ASP C 92 -4.03 -6.28 10.14
CA ASP C 92 -3.17 -6.86 11.16
C ASP C 92 -3.49 -6.24 12.50
N ILE C 93 -4.61 -6.66 13.09
CA ILE C 93 -5.04 -6.10 14.36
C ILE C 93 -5.75 -7.18 15.18
N MET C 94 -5.55 -7.13 16.49
CA MET C 94 -5.99 -8.13 17.44
C MET C 94 -6.44 -7.46 18.73
N LEU C 95 -7.48 -7.97 19.37
CA LEU C 95 -7.92 -7.46 20.67
C LEU C 95 -7.74 -8.53 21.74
N ILE C 96 -7.26 -8.11 22.90
CA ILE C 96 -7.05 -8.98 24.05
C ILE C 96 -7.88 -8.45 25.21
N LYS C 97 -8.74 -9.30 25.76
CA LYS C 97 -9.47 -8.98 26.98
C LYS C 97 -8.69 -9.49 28.19
N LEU C 98 -8.37 -8.59 29.11
CA LEU C 98 -7.70 -8.99 30.34
C LEU C 98 -8.62 -9.82 31.22
N SER C 99 -8.05 -10.84 31.87
CA SER C 99 -8.85 -11.68 32.75
C SER C 99 -9.38 -10.92 33.95
N SER C 100 -8.80 -9.77 34.27
CA SER C 100 -9.32 -8.87 35.28
C SER C 100 -8.90 -7.46 34.92
N PRO C 101 -9.64 -6.44 35.37
CA PRO C 101 -9.32 -5.07 34.96
C PRO C 101 -7.99 -4.61 35.54
N ALA C 102 -7.25 -3.87 34.71
CA ALA C 102 -6.04 -3.22 35.19
C ALA C 102 -6.38 -2.08 36.12
N THR C 103 -5.53 -1.86 37.12
CA THR C 103 -5.65 -0.69 37.97
C THR C 103 -5.00 0.50 37.25
N LEU C 104 -5.82 1.49 36.88
CA LEU C 104 -5.32 2.65 36.16
C LEU C 104 -4.71 3.66 37.13
N ASN C 105 -3.52 4.14 36.80
CA ASN C 105 -2.86 5.17 37.60
C ASN C 105 -2.00 6.01 36.66
N SER C 106 -1.05 6.76 37.22
CA SER C 106 -0.18 7.60 36.39
C SER C 106 0.77 6.78 35.54
N ARG C 107 1.04 5.53 35.93
CA ARG C 107 2.02 4.69 35.29
C ARG C 107 1.40 3.59 34.44
N VAL C 108 0.11 3.34 34.62
CA VAL C 108 -0.65 2.42 33.78
C VAL C 108 -1.90 3.18 33.36
N ALA C 109 -1.98 3.52 32.07
CA ALA C 109 -3.07 4.37 31.61
C ALA C 109 -3.45 3.97 30.20
N THR C 110 -4.66 4.36 29.81
CA THR C 110 -5.17 4.04 28.48
C THR C 110 -4.74 5.11 27.48
N VAL C 111 -4.81 4.76 26.20
CA VAL C 111 -4.58 5.69 25.11
C VAL C 111 -5.86 5.75 24.28
N SER C 112 -6.18 6.95 23.80
CA SER C 112 -7.40 7.16 23.04
CA SER C 112 -7.40 7.15 23.04
C SER C 112 -7.31 6.51 21.66
N LEU C 113 -8.46 6.02 21.17
CA LEU C 113 -8.56 5.61 19.78
C LEU C 113 -8.61 6.86 18.91
N PRO C 114 -8.31 6.74 17.62
CA PRO C 114 -8.34 7.92 16.75
C PRO C 114 -9.74 8.51 16.64
N ARG C 115 -9.81 9.84 16.67
CA ARG C 115 -11.02 10.53 16.28
C ARG C 115 -11.08 10.78 14.78
N SER C 116 -9.94 10.75 14.11
CA SER C 116 -9.87 10.77 12.65
C SER C 116 -8.51 10.23 12.27
N CYS C 117 -8.33 9.96 10.97
CA CYS C 117 -7.04 9.49 10.51
C CYS C 117 -6.01 10.63 10.58
N ALA C 118 -4.74 10.25 10.63
CA ALA C 118 -3.67 11.21 10.84
C ALA C 118 -3.14 11.73 9.51
N ALA C 119 -2.97 13.03 9.41
CA ALA C 119 -2.41 13.63 8.21
C ALA C 119 -0.94 13.23 8.04
N ALA C 120 -0.53 13.11 6.78
CA ALA C 120 0.89 12.92 6.50
C ALA C 120 1.68 14.05 7.14
N GLY C 121 2.82 13.72 7.73
CA GLY C 121 3.62 14.70 8.45
C GLY C 121 3.34 14.77 9.94
N THR C 122 2.25 14.18 10.41
CA THR C 122 1.96 14.18 11.84
C THR C 122 3.06 13.46 12.59
N GLU C 123 3.55 14.07 13.68
CA GLU C 123 4.57 13.44 14.50
C GLU C 123 3.94 12.35 15.37
N CYS C 124 4.61 11.22 15.46
CA CYS C 124 4.14 10.09 16.24
C CYS C 124 5.23 9.57 17.16
N LEU C 125 4.82 8.80 18.15
CA LEU C 125 5.75 8.10 19.03
C LEU C 125 5.55 6.61 18.84
N ILE C 126 6.62 5.93 18.45
CA ILE C 126 6.67 4.47 18.34
C ILE C 126 7.53 3.96 19.49
N SER C 127 7.12 2.86 20.12
CA SER C 127 7.84 2.36 21.29
C SER C 127 7.77 0.84 21.35
N GLY C 128 8.70 0.26 22.09
CA GLY C 128 8.71 -1.16 22.27
C GLY C 128 10.07 -1.65 22.73
N TRP C 129 10.10 -2.95 23.03
CA TRP C 129 11.31 -3.63 23.47
C TRP C 129 11.96 -4.44 22.37
N GLY C 130 11.76 -4.04 21.11
CA GLY C 130 12.28 -4.77 19.99
C GLY C 130 13.77 -4.54 19.77
N ASN C 131 14.30 -5.24 18.76
CA ASN C 131 15.70 -5.16 18.39
C ASN C 131 16.14 -3.72 18.15
N THR C 132 17.34 -3.38 18.63
CA THR C 132 17.84 -2.02 18.47
C THR C 132 18.89 -1.89 17.38
N LYS C 133 19.22 -2.96 16.64
CA LYS C 133 20.12 -2.88 15.50
C LYS C 133 19.44 -3.44 14.26
N SER C 134 19.86 -2.93 13.10
CA SER C 134 19.31 -3.34 11.81
C SER C 134 20.01 -4.57 11.23
N GLY C 136 22.69 -6.70 13.01
CA GLY C 136 22.82 -7.69 14.06
C GLY C 136 21.56 -7.84 14.90
N SER C 137 21.73 -8.18 16.18
CA SER C 137 20.61 -8.31 17.11
C SER C 137 21.05 -7.85 18.49
N SER C 138 20.27 -6.96 19.08
CA SER C 138 20.55 -6.44 20.42
C SER C 138 19.22 -6.03 21.04
N TYR C 139 18.74 -6.82 22.00
CA TYR C 139 17.43 -6.57 22.58
C TYR C 139 17.54 -5.87 23.91
N PRO C 140 16.82 -4.77 24.10
CA PRO C 140 16.97 -3.97 25.31
C PRO C 140 16.15 -4.49 26.48
N SER C 141 16.66 -4.21 27.69
CA SER C 141 15.82 -4.36 28.88
C SER C 141 14.84 -3.20 29.05
N LEU C 142 15.22 -1.99 28.65
CA LEU C 142 14.42 -0.80 28.92
C LEU C 142 13.63 -0.36 27.69
N LEU C 143 12.38 0.05 27.92
CA LEU C 143 11.51 0.49 26.84
C LEU C 143 12.18 1.56 26.00
N GLN C 144 12.09 1.39 24.67
CA GLN C 144 12.69 2.35 23.73
C GLN C 144 11.60 3.14 23.03
N CYS C 145 11.98 4.32 22.57
CA CYS C 145 11.08 5.32 22.04
C CYS C 145 11.64 5.86 20.74
N LEU C 146 10.75 6.23 19.82
CA LEU C 146 11.18 6.85 18.58
C LEU C 146 10.11 7.81 18.10
N LYS C 147 10.50 9.06 17.86
CA LYS C 147 9.63 10.04 17.22
C LYS C 147 9.77 9.95 15.70
N ALA C 148 8.66 9.87 15.00
CA ALA C 148 8.68 9.65 13.56
C ALA C 148 7.38 10.18 12.96
N PRO C 149 7.43 10.72 11.74
CA PRO C 149 6.21 11.27 11.13
C PRO C 149 5.47 10.25 10.27
N VAL C 150 4.16 10.45 10.18
CA VAL C 150 3.36 9.77 9.17
C VAL C 150 3.85 10.16 7.79
N LEU C 151 4.09 9.17 6.95
CA LEU C 151 4.47 9.44 5.56
C LEU C 151 3.23 9.44 4.69
N SER C 152 3.27 10.25 3.63
CA SER C 152 2.19 10.28 2.67
C SER C 152 1.94 8.89 2.09
N ASP C 153 0.67 8.59 1.83
CA ASP C 153 0.33 7.30 1.24
C ASP C 153 1.07 7.06 -0.06
N SER C 154 1.33 8.12 -0.84
CA SER C 154 2.05 7.93 -2.10
C SER C 154 3.50 7.51 -1.86
N SER C 155 4.15 8.10 -0.85
CA SER C 155 5.50 7.65 -0.48
C SER C 155 5.48 6.21 0.02
N CYS C 156 4.46 5.86 0.80
CA CYS C 156 4.37 4.51 1.33
C CYS C 156 4.21 3.50 0.21
N LYS C 157 3.28 3.75 -0.71
CA LYS C 157 3.05 2.81 -1.78
C LYS C 157 4.27 2.73 -2.70
N SER C 158 4.97 3.84 -2.93
CA SER C 158 6.18 3.77 -3.74
CA SER C 158 6.18 3.77 -3.74
C SER C 158 7.27 2.99 -3.04
N SER C 159 7.29 3.02 -1.70
CA SER C 159 8.30 2.28 -0.96
C SER C 159 8.08 0.78 -1.05
N TYR C 160 6.82 0.34 -1.10
CA TYR C 160 6.46 -1.07 -1.16
C TYR C 160 5.45 -1.26 -2.29
N PRO C 161 5.90 -1.31 -3.54
CA PRO C 161 4.96 -1.33 -4.66
C PRO C 161 4.02 -2.52 -4.58
N GLY C 162 2.72 -2.25 -4.69
CA GLY C 162 1.75 -3.32 -4.72
C GLY C 162 1.55 -4.06 -3.42
N GLN C 163 1.94 -3.46 -2.29
CA GLN C 163 1.83 -4.12 -0.98
C GLN C 163 1.08 -3.33 0.09
N ILE C 164 0.80 -2.05 -0.12
CA ILE C 164 0.26 -1.20 0.93
C ILE C 164 -1.23 -1.04 0.68
N THR C 165 -2.05 -1.70 1.50
CA THR C 165 -3.51 -1.62 1.37
C THR C 165 -4.03 -0.30 1.91
N GLY C 166 -5.36 -0.13 1.89
CA GLY C 166 -5.98 1.01 2.53
C GLY C 166 -5.92 0.98 4.05
N ASN C 167 -5.43 -0.12 4.64
CA ASN C 167 -5.41 -0.32 6.08
C ASN C 167 -3.99 -0.23 6.65
N MET C 168 -3.11 0.47 5.97
CA MET C 168 -1.68 0.44 6.24
C MET C 168 -1.13 1.85 6.11
N ILE C 169 -0.29 2.25 7.06
CA ILE C 169 0.42 3.53 6.94
C ILE C 169 1.91 3.27 7.12
N CYS C 170 2.71 4.08 6.44
CA CYS C 170 4.14 4.10 6.70
C CYS C 170 4.42 5.24 7.67
N VAL C 171 5.22 4.95 8.68
CA VAL C 171 5.65 5.95 9.64
C VAL C 171 7.16 5.80 9.80
N GLY C 172 7.89 6.90 9.67
CA GLY C 172 9.33 6.78 9.73
C GLY C 172 10.12 7.68 8.80
N PHE C 173 11.24 7.18 8.27
CA PHE C 173 12.21 8.00 7.56
C PHE C 173 12.70 7.25 6.33
N LEU C 174 12.59 7.90 5.16
CA LEU C 174 13.02 7.27 3.92
C LEU C 174 14.53 7.11 3.84
N GLU C 175 15.28 7.91 4.60
CA GLU C 175 16.72 7.78 4.65
C GLU C 175 17.17 6.63 5.54
N GLY C 176 16.25 5.96 6.22
CA GLY C 176 16.61 4.87 7.11
C GLY C 176 17.25 5.37 8.39
N GLY C 177 17.85 4.43 9.12
CA GLY C 177 18.51 4.71 10.39
C GLY C 177 17.61 4.63 11.60
N LYS C 178 16.32 4.93 11.46
CA LYS C 178 15.39 4.96 12.59
C LYS C 178 14.13 4.21 12.21
N ASP C 179 13.72 3.26 13.06
CA ASP C 179 12.65 2.36 12.65
C ASP C 179 12.28 1.46 13.81
N SER C 180 11.08 0.88 13.75
CA SER C 180 10.74 -0.24 14.61
C SER C 180 11.41 -1.50 14.07
N CYS C 181 11.41 -2.56 14.87
CA CYS C 181 12.10 -3.78 14.46
C CYS C 181 11.46 -4.96 15.16
N GLN C 182 12.00 -6.15 14.90
CA GLN C 182 11.48 -7.38 15.49
C GLN C 182 11.44 -7.28 17.02
N GLY C 183 10.34 -7.73 17.59
CA GLY C 183 10.06 -7.53 19.00
C GLY C 183 9.21 -6.32 19.32
N ASP C 184 9.08 -5.36 18.39
CA ASP C 184 8.18 -4.25 18.57
C ASP C 184 6.77 -4.53 18.08
N SER C 185 6.63 -5.54 17.21
CA SER C 185 5.36 -6.14 16.79
C SER C 185 4.20 -5.87 17.73
N GLY C 186 3.12 -5.30 17.21
CA GLY C 186 1.91 -5.11 17.97
C GLY C 186 1.89 -3.86 18.83
N GLY C 187 3.03 -3.17 18.96
CA GLY C 187 3.12 -2.00 19.81
C GLY C 187 2.52 -0.77 19.17
N PRO C 188 2.52 0.33 19.94
CA PRO C 188 1.76 1.53 19.56
C PRO C 188 2.52 2.51 18.67
N VAL C 189 1.74 3.19 17.85
CA VAL C 189 2.14 4.43 17.18
C VAL C 189 1.11 5.46 17.61
N VAL C 190 1.54 6.45 18.38
CA VAL C 190 0.63 7.40 19.02
C VAL C 190 0.97 8.79 18.51
N CYS C 191 -0.02 9.46 17.95
CA CYS C 191 0.15 10.74 17.28
C CYS C 191 -0.95 11.66 17.79
N ASN C 192 -0.56 12.83 18.29
CA ASN C 192 -1.51 13.80 18.84
C ASN C 192 -2.48 13.12 19.80
N GLY C 193 -1.93 12.33 20.71
CA GLY C 193 -2.72 11.73 21.77
C GLY C 193 -3.58 10.57 21.34
N GLN C 194 -3.43 10.08 20.10
CA GLN C 194 -4.30 9.06 19.54
C GLN C 194 -3.48 7.90 19.00
N LEU C 195 -3.96 6.69 19.26
CA LEU C 195 -3.33 5.47 18.74
C LEU C 195 -3.66 5.35 17.26
N GLN C 196 -2.72 5.69 16.40
CA GLN C 196 -2.95 5.71 14.95
C GLN C 196 -2.36 4.49 14.26
N GLY C 197 -1.41 3.80 14.87
CA GLY C 197 -0.76 2.68 14.21
C GLY C 197 -0.42 1.56 15.16
N ILE C 198 -0.27 0.37 14.59
CA ILE C 198 0.22 -0.83 15.28
C ILE C 198 1.41 -1.34 14.48
N VAL C 199 2.52 -1.63 15.17
CA VAL C 199 3.72 -2.15 14.51
C VAL C 199 3.35 -3.42 13.78
N SER C 200 3.48 -3.41 12.45
CA SER C 200 3.02 -4.55 11.65
C SER C 200 4.16 -5.24 10.92
N TRP C 201 4.81 -4.60 9.94
CA TRP C 201 5.81 -5.28 9.15
C TRP C 201 6.71 -4.26 8.47
N GLY C 202 7.68 -4.76 7.73
CA GLY C 202 8.55 -3.91 6.93
C GLY C 202 9.55 -4.78 6.21
N TYR C 203 10.33 -4.15 5.34
CA TYR C 203 11.46 -4.85 4.73
C TYR C 203 12.67 -4.63 5.62
N GLY C 204 13.00 -5.64 6.43
CA GLY C 204 14.06 -5.44 7.41
C GLY C 204 13.72 -4.31 8.36
N CYS C 205 14.75 -3.65 8.89
CA CYS C 205 14.58 -2.55 9.83
C CYS C 205 15.54 -1.43 9.48
N ALA C 206 15.04 -0.19 9.51
CA ALA C 206 15.84 1.02 9.33
C ALA C 206 16.57 1.04 7.99
N GLN C 207 16.07 0.31 7.00
CA GLN C 207 16.69 0.34 5.68
C GLN C 207 16.20 1.54 4.88
N LYS C 208 17.08 2.04 4.02
CA LYS C 208 16.75 3.16 3.15
C LYS C 208 15.53 2.81 2.28
N ASN C 209 14.59 3.77 2.19
CA ASN C 209 13.38 3.65 1.38
C ASN C 209 12.53 2.46 1.78
N LYS C 210 12.66 1.98 3.02
CA LYS C 210 11.82 0.91 3.55
C LYS C 210 11.39 1.29 4.96
N PRO C 211 10.58 2.33 5.11
CA PRO C 211 10.08 2.68 6.44
C PRO C 211 9.16 1.58 6.96
N GLY C 212 8.98 1.55 8.27
CA GLY C 212 8.06 0.59 8.84
C GLY C 212 6.64 0.78 8.35
N VAL C 213 5.91 -0.32 8.29
CA VAL C 213 4.50 -0.34 7.90
C VAL C 213 3.67 -0.66 9.13
N TYR C 214 2.55 0.03 9.29
CA TYR C 214 1.76 -0.02 10.51
C TYR C 214 0.28 -0.21 10.16
N THR C 215 -0.41 -1.00 10.97
CA THR C 215 -1.87 -1.13 10.79
C THR C 215 -2.52 0.21 11.04
N LYS C 216 -3.43 0.61 10.15
CA LYS C 216 -4.02 1.94 10.18
C LYS C 216 -5.20 1.90 11.13
N VAL C 217 -4.95 2.24 12.40
CA VAL C 217 -5.94 2.03 13.45
C VAL C 217 -7.22 2.82 13.18
N CYS C 218 -7.11 4.02 12.60
CA CYS C 218 -8.33 4.81 12.40
C CYS C 218 -9.37 4.10 11.53
N ASN C 219 -8.99 3.04 10.81
CA ASN C 219 -9.97 2.29 10.03
C ASN C 219 -10.75 1.28 10.87
N TYR C 220 -10.34 1.04 12.12
CA TYR C 220 -10.91 -0.06 12.89
C TYR C 220 -11.65 0.40 14.13
N VAL C 221 -11.95 1.69 14.25
CA VAL C 221 -12.57 2.20 15.47
C VAL C 221 -13.93 1.54 15.70
N ASN C 222 -14.74 1.43 14.65
CA ASN C 222 -16.04 0.78 14.78
C ASN C 222 -15.88 -0.68 15.19
N TRP C 223 -15.03 -1.41 14.50
CA TRP C 223 -14.82 -2.82 14.82
C TRP C 223 -14.36 -2.99 16.27
N ILE C 224 -13.45 -2.13 16.73
CA ILE C 224 -12.97 -2.23 18.11
C ILE C 224 -14.11 -1.99 19.09
N GLN C 225 -14.85 -0.91 18.89
CA GLN C 225 -15.93 -0.59 19.82
C GLN C 225 -16.96 -1.71 19.86
N GLN C 226 -17.35 -2.24 18.70
CA GLN C 226 -18.37 -3.28 18.69
C GLN C 226 -17.84 -4.59 19.24
N THR C 227 -16.56 -4.91 19.03
CA THR C 227 -16.02 -6.11 19.65
C THR C 227 -15.99 -5.98 21.18
N ILE C 228 -15.58 -4.81 21.70
CA ILE C 228 -15.60 -4.62 23.14
C ILE C 228 -17.03 -4.63 23.67
N ALA C 229 -17.94 -3.95 22.96
CA ALA C 229 -19.33 -3.91 23.40
C ALA C 229 -19.94 -5.31 23.42
N ALA C 230 -19.58 -6.15 22.46
CA ALA C 230 -20.17 -7.48 22.34
C ALA C 230 -19.46 -8.53 23.18
N ASN C 231 -18.37 -8.18 23.85
CA ASN C 231 -17.63 -9.18 24.62
C ASN C 231 -17.36 -8.71 26.04
N THR D 2 7.69 -9.44 9.62
CA THR D 2 6.94 -8.81 10.71
C THR D 2 7.88 -8.31 11.81
N ARG D 3 7.57 -7.16 12.41
CA ARG D 3 8.53 -6.55 13.31
C ARG D 3 8.24 -6.81 14.77
#